data_6HVL
#
_entry.id   6HVL
#
_cell.length_a   121.900
_cell.length_b   121.900
_cell.length_c   141.160
_cell.angle_alpha   90.000
_cell.angle_beta   90.000
_cell.angle_gamma   120.000
#
_symmetry.space_group_name_H-M   'H 3 2'
#
loop_
_entity.id
_entity.type
_entity.pdbx_description
1 polymer 'Diadenylate cyclase'
2 non-polymer "(2R,3R,3aS,5R,7aR,9R,10R,10aS,12R,14aR)-2,9-bis(6-amino-9H-purin-9-yl)octahydro-2H,7H-difuro[3,2-d:3',2'-j][1,3,7,9,2,8 ]tetraoxadiphosphacyclododecine-3,5,10,12-tetrol 5,12-dioxide"
3 non-polymer 'COBALT (II) ION'
4 non-polymer 'PHOSPHATE ION'
5 non-polymer 'ADENOSINE MONOPHOSPHATE'
6 water water
#
_entity_poly.entity_id   1
_entity_poly.type   'polypeptide(L)'
_entity_poly.pdbx_seq_one_letter_code
;GPLGSYGSRIEREQHHLIESIEKSTQYMAKRRIGALISVARDTGMDDYIETGIPLNAKISSQLLINIFIPNTPLHDGAVI
IKGNEIASAASYLPLSDSPFLSKELGTRHRAALGISEVTDSITIVVSEETGGISLTKGGELFRDVSEEELHKILLKELVT
VTAKKPSIFSKWKGGKSE
;
_entity_poly.pdbx_strand_id   A,B
#
# COMPACT_ATOMS: atom_id res chain seq x y z
N LEU A 3 -19.45 5.88 -12.07
CA LEU A 3 -20.23 5.55 -13.26
C LEU A 3 -20.05 6.60 -14.36
N GLY A 4 -18.87 6.64 -14.96
CA GLY A 4 -18.59 7.62 -15.99
C GLY A 4 -18.27 7.00 -17.34
N SER A 5 -19.08 7.33 -18.34
CA SER A 5 -18.95 6.82 -19.72
C SER A 5 -19.14 5.31 -19.83
N TYR A 6 -19.54 4.65 -18.75
CA TYR A 6 -19.82 3.22 -18.78
C TYR A 6 -21.27 2.97 -18.35
N GLY A 7 -21.77 1.80 -18.71
CA GLY A 7 -23.15 1.43 -18.44
C GLY A 7 -23.49 1.19 -16.98
N SER A 8 -22.52 1.30 -16.08
CA SER A 8 -22.74 1.09 -14.64
C SER A 8 -21.50 1.54 -13.88
N ARG A 9 -21.69 1.73 -12.57
CA ARG A 9 -20.54 1.88 -11.69
C ARG A 9 -19.66 0.63 -11.75
N ILE A 10 -20.29 -0.55 -11.78
CA ILE A 10 -19.52 -1.80 -11.72
C ILE A 10 -18.65 -1.93 -12.96
N GLU A 11 -19.21 -1.63 -14.14
CA GLU A 11 -18.42 -1.70 -15.37
C GLU A 11 -17.25 -0.73 -15.33
N ARG A 12 -17.44 0.44 -14.73
CA ARG A 12 -16.33 1.39 -14.59
C ARG A 12 -15.26 0.84 -13.65
N GLU A 13 -15.69 0.31 -12.50
CA GLU A 13 -14.72 -0.21 -11.53
C GLU A 13 -13.92 -1.35 -12.12
N GLN A 14 -14.54 -2.17 -12.98
CA GLN A 14 -13.82 -3.27 -13.60
C GLN A 14 -12.78 -2.77 -14.61
N HIS A 15 -13.12 -1.71 -15.34
CA HIS A 15 -12.14 -1.12 -16.25
C HIS A 15 -11.02 -0.43 -15.49
N HIS A 16 -11.32 0.16 -14.33
CA HIS A 16 -10.26 0.69 -13.47
C HIS A 16 -9.36 -0.43 -12.97
N LEU A 17 -9.96 -1.57 -12.59
CA LEU A 17 -9.16 -2.70 -12.14
C LEU A 17 -8.23 -3.20 -13.24
N ILE A 18 -8.74 -3.29 -14.47
CA ILE A 18 -7.91 -3.74 -15.59
C ILE A 18 -6.74 -2.78 -15.80
N GLU A 19 -7.03 -1.47 -15.82
CA GLU A 19 -5.98 -0.49 -16.05
C GLU A 19 -4.95 -0.50 -14.92
N SER A 20 -5.38 -0.72 -13.69
CA SER A 20 -4.44 -0.79 -12.58
C SER A 20 -3.52 -1.99 -12.70
N ILE A 21 -4.08 -3.14 -13.11
CA ILE A 21 -3.26 -4.33 -13.30
C ILE A 21 -2.27 -4.12 -14.43
N GLU A 22 -2.72 -3.54 -15.53
CA GLU A 22 -1.84 -3.35 -16.69
C GLU A 22 -0.68 -2.42 -16.35
N LYS A 23 -0.98 -1.26 -15.78
CA LYS A 23 0.07 -0.30 -15.45
C LYS A 23 1.08 -0.89 -14.47
N SER A 24 0.61 -1.60 -13.45
CA SER A 24 1.51 -2.12 -12.43
C SER A 24 2.42 -3.20 -12.99
N THR A 25 1.85 -4.18 -13.69
CA THR A 25 2.67 -5.24 -14.26
C THR A 25 3.67 -4.68 -15.26
N GLN A 26 3.25 -3.68 -16.04
N GLN A 26 3.26 -3.68 -16.05
CA GLN A 26 4.16 -3.04 -16.98
CA GLN A 26 4.20 -3.05 -16.98
C GLN A 26 5.34 -2.40 -16.25
C GLN A 26 5.36 -2.42 -16.22
N TYR A 27 5.06 -1.71 -15.14
CA TYR A 27 6.12 -1.10 -14.34
C TYR A 27 7.02 -2.17 -13.72
N MET A 28 6.42 -3.20 -13.13
CA MET A 28 7.19 -4.22 -12.44
C MET A 28 7.94 -5.13 -13.41
N ALA A 29 7.38 -5.37 -14.60
CA ALA A 29 8.06 -6.21 -15.58
C ALA A 29 9.36 -5.56 -16.04
N LYS A 30 9.32 -4.25 -16.33
CA LYS A 30 10.52 -3.56 -16.77
C LYS A 30 11.62 -3.60 -15.74
N ARG A 31 11.27 -3.62 -14.45
CA ARG A 31 12.25 -3.55 -13.37
C ARG A 31 12.52 -4.92 -12.74
N ARG A 32 12.08 -6.01 -13.38
CA ARG A 32 12.33 -7.37 -12.89
C ARG A 32 11.85 -7.54 -11.44
N ILE A 33 10.62 -7.11 -11.20
CA ILE A 33 10.01 -7.17 -9.86
C ILE A 33 8.98 -8.29 -9.86
N GLY A 34 9.15 -9.25 -8.96
CA GLY A 34 8.20 -10.35 -8.87
C GLY A 34 6.88 -9.89 -8.28
N ALA A 35 5.80 -10.33 -8.89
CA ALA A 35 4.47 -9.95 -8.46
C ALA A 35 3.50 -11.11 -8.64
N LEU A 36 2.48 -11.16 -7.79
CA LEU A 36 1.48 -12.21 -7.82
C LEU A 36 0.15 -11.59 -7.41
N ILE A 37 -0.71 -11.35 -8.39
CA ILE A 37 -2.00 -10.70 -8.17
C ILE A 37 -3.10 -11.67 -8.60
N SER A 38 -4.00 -11.99 -7.68
CA SER A 38 -5.08 -12.94 -7.92
C SER A 38 -6.41 -12.23 -7.73
N VAL A 39 -7.23 -12.21 -8.77
CA VAL A 39 -8.48 -11.48 -8.79
C VAL A 39 -9.63 -12.46 -8.58
N ALA A 40 -10.24 -12.41 -7.40
CA ALA A 40 -11.33 -13.33 -7.08
C ALA A 40 -12.58 -13.02 -7.90
N ARG A 41 -13.31 -14.06 -8.26
CA ARG A 41 -14.59 -13.89 -8.94
C ARG A 41 -15.74 -14.56 -8.19
N ASP A 42 -16.37 -15.57 -8.80
CA ASP A 42 -17.55 -16.17 -8.20
C ASP A 42 -17.22 -17.05 -6.99
N THR A 43 -16.05 -17.69 -7.00
CA THR A 43 -15.76 -18.72 -6.01
C THR A 43 -15.72 -18.14 -4.60
N GLY A 44 -15.08 -16.98 -4.43
CA GLY A 44 -14.89 -16.47 -3.09
C GLY A 44 -13.64 -17.07 -2.47
N MET A 45 -12.72 -16.22 -2.05
CA MET A 45 -11.39 -16.64 -1.61
C MET A 45 -11.08 -16.21 -0.19
N ASP A 46 -12.09 -16.16 0.68
CA ASP A 46 -11.89 -15.72 2.05
C ASP A 46 -10.90 -16.59 2.81
N ASP A 47 -10.76 -17.86 2.40
CA ASP A 47 -9.81 -18.73 3.08
C ASP A 47 -8.38 -18.23 2.93
N TYR A 48 -8.01 -17.78 1.72
CA TYR A 48 -6.64 -17.37 1.47
C TYR A 48 -6.39 -15.92 1.83
N ILE A 49 -7.44 -15.10 1.90
CA ILE A 49 -7.28 -13.74 2.39
C ILE A 49 -6.87 -13.74 3.85
N GLU A 50 -7.36 -14.70 4.63
CA GLU A 50 -7.01 -14.78 6.04
C GLU A 50 -5.55 -15.17 6.25
N THR A 51 -4.91 -15.76 5.25
CA THR A 51 -3.50 -16.14 5.39
C THR A 51 -2.58 -14.92 5.37
N GLY A 52 -2.97 -13.87 4.63
CA GLY A 52 -2.14 -12.71 4.43
C GLY A 52 -2.47 -11.56 5.37
N ILE A 53 -1.87 -10.42 5.07
CA ILE A 53 -2.04 -9.20 5.86
C ILE A 53 -3.20 -8.40 5.24
N PRO A 54 -4.26 -8.13 5.99
CA PRO A 54 -5.43 -7.46 5.39
C PRO A 54 -5.14 -5.99 5.11
N LEU A 55 -5.41 -5.56 3.88
CA LEU A 55 -5.30 -4.16 3.51
C LEU A 55 -6.67 -3.50 3.37
N ASN A 56 -7.61 -4.15 2.69
CA ASN A 56 -8.93 -3.59 2.38
C ASN A 56 -8.80 -2.16 1.84
N ALA A 57 -8.00 -2.04 0.79
CA ALA A 57 -7.57 -0.76 0.26
C ALA A 57 -8.10 -0.54 -1.16
N LYS A 58 -8.29 0.73 -1.51
CA LYS A 58 -8.68 1.09 -2.86
C LYS A 58 -7.64 0.60 -3.86
N ILE A 59 -8.13 0.18 -5.04
CA ILE A 59 -7.28 -0.39 -6.06
C ILE A 59 -6.61 0.72 -6.86
N SER A 60 -5.29 0.66 -6.98
CA SER A 60 -4.53 1.60 -7.79
C SER A 60 -3.26 0.91 -8.27
N SER A 61 -2.75 1.38 -9.40
CA SER A 61 -1.49 0.84 -9.90
C SER A 61 -0.33 1.15 -8.96
N GLN A 62 -0.38 2.30 -8.28
CA GLN A 62 0.73 2.69 -7.43
C GLN A 62 0.81 1.83 -6.18
N LEU A 63 -0.34 1.51 -5.58
CA LEU A 63 -0.33 0.64 -4.41
C LEU A 63 0.15 -0.76 -4.77
N LEU A 64 -0.27 -1.26 -5.93
CA LEU A 64 0.17 -2.59 -6.38
C LEU A 64 1.69 -2.63 -6.54
N ILE A 65 2.28 -1.55 -7.03
CA ILE A 65 3.74 -1.51 -7.18
C ILE A 65 4.41 -1.51 -5.81
N ASN A 66 4.00 -0.61 -4.91
CA ASN A 66 4.67 -0.48 -3.62
C ASN A 66 4.60 -1.77 -2.82
N ILE A 67 3.59 -2.60 -3.06
CA ILE A 67 3.44 -3.83 -2.29
C ILE A 67 4.54 -4.82 -2.63
N PHE A 68 4.93 -4.90 -3.90
CA PHE A 68 5.83 -5.95 -4.37
C PHE A 68 7.29 -5.50 -4.40
N ILE A 69 7.62 -4.31 -3.91
CA ILE A 69 9.03 -3.89 -3.88
C ILE A 69 9.82 -4.88 -3.02
N PRO A 70 10.95 -5.40 -3.52
CA PRO A 70 11.64 -6.48 -2.79
C PRO A 70 12.09 -6.06 -1.40
N ASN A 71 12.24 -7.05 -0.53
CA ASN A 71 12.72 -6.89 0.84
C ASN A 71 11.85 -5.96 1.67
N THR A 72 10.57 -5.83 1.31
CA THR A 72 9.60 -5.06 2.06
C THR A 72 8.61 -5.99 2.75
N PRO A 73 7.97 -5.55 3.83
CA PRO A 73 7.12 -6.46 4.62
C PRO A 73 5.95 -7.06 3.86
N LEU A 74 5.58 -6.53 2.69
CA LEU A 74 4.40 -7.01 1.97
C LEU A 74 4.74 -7.71 0.66
N HIS A 75 6.01 -7.82 0.28
CA HIS A 75 6.33 -8.23 -1.08
C HIS A 75 6.22 -9.73 -1.29
N ASP A 76 6.52 -10.54 -0.27
CA ASP A 76 6.49 -12.00 -0.41
C ASP A 76 5.08 -12.48 -0.11
N GLY A 77 4.42 -13.02 -1.12
CA GLY A 77 3.07 -13.51 -1.04
C GLY A 77 2.24 -13.03 -2.22
N ALA A 78 0.93 -13.21 -2.12
CA ALA A 78 0.00 -12.88 -3.19
C ALA A 78 -0.93 -11.76 -2.75
N VAL A 79 -1.10 -10.78 -3.63
CA VAL A 79 -2.15 -9.77 -3.45
C VAL A 79 -3.45 -10.34 -3.99
N ILE A 80 -4.49 -10.32 -3.17
CA ILE A 80 -5.80 -10.84 -3.54
C ILE A 80 -6.75 -9.66 -3.65
N ILE A 81 -7.44 -9.56 -4.78
CA ILE A 81 -8.40 -8.49 -5.04
C ILE A 81 -9.79 -9.10 -4.98
N LYS A 82 -10.61 -8.63 -4.03
CA LYS A 82 -11.96 -9.11 -3.85
C LYS A 82 -12.91 -7.92 -3.81
N GLY A 83 -14.01 -8.02 -4.53
CA GLY A 83 -14.93 -6.90 -4.65
C GLY A 83 -14.28 -5.77 -5.42
N ASN A 84 -14.18 -4.59 -4.81
CA ASN A 84 -13.58 -3.44 -5.45
C ASN A 84 -12.35 -2.95 -4.70
N GLU A 85 -11.74 -3.80 -3.87
CA GLU A 85 -10.59 -3.39 -3.09
C GLU A 85 -9.54 -4.49 -3.06
N ILE A 86 -8.32 -4.10 -2.73
CA ILE A 86 -7.21 -5.03 -2.47
C ILE A 86 -7.45 -5.60 -1.08
N ALA A 87 -7.88 -6.86 -1.01
CA ALA A 87 -8.30 -7.42 0.27
C ALA A 87 -7.10 -7.70 1.17
N SER A 88 -6.05 -8.29 0.62
CA SER A 88 -4.90 -8.67 1.44
C SER A 88 -3.63 -8.68 0.60
N ALA A 89 -2.50 -8.61 1.29
CA ALA A 89 -1.19 -8.81 0.69
C ALA A 89 -0.47 -9.90 1.48
N ALA A 90 0.53 -10.50 0.85
CA ALA A 90 1.34 -11.55 1.48
C ALA A 90 0.52 -12.76 1.85
N SER A 91 -0.52 -13.06 1.07
CA SER A 91 -1.23 -14.32 1.19
C SER A 91 -0.50 -15.42 0.45
N TYR A 92 -0.58 -16.63 0.97
CA TYR A 92 0.03 -17.79 0.31
C TYR A 92 -1.05 -18.61 -0.36
N LEU A 93 -0.75 -19.11 -1.55
CA LEU A 93 -1.67 -19.85 -2.39
C LEU A 93 -1.27 -21.31 -2.46
N PRO A 94 -2.24 -22.21 -2.68
CA PRO A 94 -1.89 -23.62 -2.86
C PRO A 94 -1.08 -23.83 -4.11
N LEU A 95 -0.15 -24.78 -4.04
CA LEU A 95 0.71 -25.12 -5.16
C LEU A 95 0.07 -26.23 -6.00
N SER A 96 0.04 -26.05 -7.31
CA SER A 96 -0.43 -27.09 -8.19
C SER A 96 0.57 -28.24 -8.25
N ASP A 97 0.05 -29.46 -8.35
CA ASP A 97 0.88 -30.65 -8.51
C ASP A 97 1.04 -31.06 -9.97
N SER A 98 0.74 -30.17 -10.92
CA SER A 98 0.78 -30.51 -12.33
C SER A 98 2.20 -30.89 -12.77
N PRO A 99 2.42 -32.10 -13.30
CA PRO A 99 3.74 -32.41 -13.87
C PRO A 99 3.99 -31.72 -15.19
N PHE A 100 3.00 -31.02 -15.74
CA PHE A 100 3.12 -30.38 -17.05
C PHE A 100 3.61 -28.94 -16.95
N LEU A 101 3.86 -28.44 -15.75
CA LEU A 101 4.43 -27.11 -15.60
C LEU A 101 5.92 -27.14 -15.94
N SER A 102 6.33 -26.22 -16.80
CA SER A 102 7.73 -26.14 -17.20
C SER A 102 8.63 -25.93 -15.99
N LYS A 103 9.74 -26.68 -15.95
CA LYS A 103 10.68 -26.55 -14.86
C LYS A 103 11.45 -25.23 -14.89
N GLU A 104 11.35 -24.48 -15.99
CA GLU A 104 11.91 -23.12 -16.01
C GLU A 104 11.17 -22.19 -15.07
N LEU A 105 9.93 -22.53 -14.71
CA LEU A 105 9.10 -21.67 -13.88
C LEU A 105 9.19 -22.10 -12.43
N GLY A 106 9.34 -21.13 -11.54
CA GLY A 106 9.49 -21.38 -10.12
C GLY A 106 8.17 -21.57 -9.41
N THR A 107 8.23 -21.49 -8.08
CA THR A 107 7.05 -21.71 -7.25
C THR A 107 6.03 -20.57 -7.37
N ARG A 108 6.47 -19.37 -7.75
CA ARG A 108 5.52 -18.28 -7.97
C ARG A 108 4.56 -18.64 -9.10
N HIS A 109 5.08 -19.14 -10.22
CA HIS A 109 4.21 -19.58 -11.30
C HIS A 109 3.41 -20.82 -10.89
N ARG A 110 4.02 -21.71 -10.12
CA ARG A 110 3.33 -22.93 -9.69
C ARG A 110 2.19 -22.61 -8.72
N ALA A 111 2.33 -21.56 -7.91
CA ALA A 111 1.25 -21.18 -7.00
C ALA A 111 0.08 -20.57 -7.75
N ALA A 112 0.36 -19.73 -8.75
CA ALA A 112 -0.72 -19.15 -9.55
C ALA A 112 -1.54 -20.24 -10.23
N LEU A 113 -0.87 -21.28 -10.72
CA LEU A 113 -1.58 -22.42 -11.28
C LEU A 113 -2.39 -23.12 -10.20
N GLY A 114 -1.87 -23.19 -8.98
CA GLY A 114 -2.59 -23.87 -7.91
C GLY A 114 -3.91 -23.20 -7.56
N ILE A 115 -3.93 -21.87 -7.55
CA ILE A 115 -5.17 -21.19 -7.20
C ILE A 115 -6.17 -21.23 -8.35
N SER A 116 -5.70 -21.29 -9.60
CA SER A 116 -6.61 -21.36 -10.73
C SER A 116 -7.31 -22.70 -10.83
N GLU A 117 -6.78 -23.73 -10.17
CA GLU A 117 -7.37 -25.07 -10.26
C GLU A 117 -8.55 -25.23 -9.31
N VAL A 118 -8.58 -24.48 -8.20
CA VAL A 118 -9.60 -24.64 -7.18
C VAL A 118 -10.50 -23.42 -7.07
N THR A 119 -10.22 -22.35 -7.80
CA THR A 119 -11.10 -21.18 -7.84
C THR A 119 -11.22 -20.72 -9.30
N ASP A 120 -12.32 -20.02 -9.60
CA ASP A 120 -12.50 -19.45 -10.93
C ASP A 120 -11.98 -18.03 -11.01
N SER A 121 -10.86 -17.76 -10.36
CA SER A 121 -10.26 -16.44 -10.33
C SER A 121 -9.23 -16.30 -11.47
N ILE A 122 -8.85 -15.05 -11.73
CA ILE A 122 -7.79 -14.73 -12.68
C ILE A 122 -6.57 -14.28 -11.88
N THR A 123 -5.43 -14.90 -12.13
CA THR A 123 -4.19 -14.58 -11.45
C THR A 123 -3.15 -14.12 -12.46
N ILE A 124 -2.41 -13.07 -12.10
CA ILE A 124 -1.39 -12.47 -12.95
C ILE A 124 -0.04 -12.59 -12.27
N VAL A 125 0.99 -12.94 -13.04
CA VAL A 125 2.33 -13.18 -12.51
C VAL A 125 3.35 -12.37 -13.30
N VAL A 126 4.31 -11.78 -12.59
CA VAL A 126 5.46 -11.13 -13.19
C VAL A 126 6.72 -11.77 -12.62
N SER A 127 7.60 -12.24 -13.50
CA SER A 127 8.77 -13.01 -13.12
C SER A 127 9.93 -12.11 -12.71
N GLU A 128 10.54 -12.42 -11.57
CA GLU A 128 11.79 -11.76 -11.19
C GLU A 128 12.92 -12.13 -12.15
N GLU A 129 12.94 -13.37 -12.63
CA GLU A 129 14.05 -13.84 -13.44
C GLU A 129 14.05 -13.19 -14.82
N THR A 130 12.88 -13.16 -15.48
CA THR A 130 12.80 -12.75 -16.88
C THR A 130 12.03 -11.46 -17.10
N GLY A 131 11.14 -11.07 -16.19
CA GLY A 131 10.25 -9.96 -16.45
C GLY A 131 9.05 -10.30 -17.30
N GLY A 132 8.82 -11.57 -17.60
CA GLY A 132 7.68 -11.95 -18.41
C GLY A 132 6.39 -11.96 -17.58
N ILE A 133 5.30 -11.56 -18.23
CA ILE A 133 3.99 -11.52 -17.60
C ILE A 133 3.22 -12.78 -17.99
N SER A 134 2.63 -13.43 -17.01
CA SER A 134 1.89 -14.66 -17.24
C SER A 134 0.55 -14.59 -16.51
N LEU A 135 -0.36 -15.48 -16.91
CA LEU A 135 -1.73 -15.45 -16.40
C LEU A 135 -2.24 -16.88 -16.27
N THR A 136 -3.02 -17.14 -15.22
CA THR A 136 -3.61 -18.45 -15.00
C THR A 136 -5.11 -18.29 -14.80
N LYS A 137 -5.87 -19.19 -15.44
CA LYS A 137 -7.31 -19.25 -15.23
C LYS A 137 -7.76 -20.68 -15.53
N GLY A 138 -8.69 -21.17 -14.72
CA GLY A 138 -9.28 -22.49 -14.95
C GLY A 138 -8.27 -23.63 -15.06
N GLY A 139 -7.14 -23.49 -14.36
CA GLY A 139 -6.11 -24.50 -14.43
C GLY A 139 -5.22 -24.45 -15.64
N GLU A 140 -5.17 -23.31 -16.34
CA GLU A 140 -4.38 -23.16 -17.55
C GLU A 140 -3.50 -21.93 -17.43
N LEU A 141 -2.27 -22.03 -17.92
CA LEU A 141 -1.28 -20.98 -17.80
C LEU A 141 -0.95 -20.43 -19.18
N PHE A 142 -0.98 -19.11 -19.32
CA PHE A 142 -0.54 -18.41 -20.52
C PHE A 142 0.76 -17.70 -20.18
N ARG A 143 1.82 -18.06 -20.89
CA ARG A 143 3.19 -17.73 -20.50
C ARG A 143 3.75 -16.65 -21.40
N ASP A 144 4.34 -15.61 -20.79
CA ASP A 144 5.01 -14.53 -21.50
C ASP A 144 4.07 -13.88 -22.53
N VAL A 145 2.91 -13.45 -22.04
CA VAL A 145 1.91 -12.82 -22.89
C VAL A 145 2.34 -11.39 -23.19
N SER A 146 1.74 -10.82 -24.23
CA SER A 146 2.03 -9.46 -24.65
C SER A 146 1.02 -8.50 -24.05
N GLU A 147 1.32 -7.20 -24.18
CA GLU A 147 0.38 -6.18 -23.73
C GLU A 147 -0.98 -6.36 -24.41
N GLU A 148 -0.98 -6.62 -25.72
CA GLU A 148 -2.22 -6.82 -26.43
C GLU A 148 -2.95 -8.07 -25.95
N GLU A 149 -2.22 -9.16 -25.74
CA GLU A 149 -2.85 -10.40 -25.32
C GLU A 149 -3.40 -10.30 -23.90
N LEU A 150 -2.66 -9.65 -23.00
CA LEU A 150 -3.12 -9.52 -21.62
C LEU A 150 -4.40 -8.70 -21.56
N HIS A 151 -4.45 -7.59 -22.29
CA HIS A 151 -5.65 -6.74 -22.28
C HIS A 151 -6.86 -7.50 -22.81
N LYS A 152 -6.66 -8.37 -23.79
CA LYS A 152 -7.79 -9.11 -24.34
C LYS A 152 -8.35 -10.10 -23.33
N ILE A 153 -7.48 -10.71 -22.52
CA ILE A 153 -7.94 -11.70 -21.54
C ILE A 153 -8.63 -11.01 -20.37
N LEU A 154 -8.02 -9.95 -19.84
CA LEU A 154 -8.62 -9.22 -18.72
C LEU A 154 -9.97 -8.64 -19.13
N LEU A 155 -10.06 -8.09 -20.34
CA LEU A 155 -11.33 -7.56 -20.82
C LEU A 155 -12.39 -8.66 -20.91
N LYS A 156 -12.00 -9.83 -21.43
CA LYS A 156 -12.95 -10.93 -21.56
C LYS A 156 -13.39 -11.45 -20.21
N GLU A 157 -12.43 -11.68 -19.30
CA GLU A 157 -12.69 -12.45 -18.09
C GLU A 157 -13.06 -11.61 -16.88
N LEU A 158 -12.75 -10.32 -16.87
CA LEU A 158 -12.96 -9.49 -15.69
C LEU A 158 -14.10 -8.48 -15.80
N VAL A 159 -14.56 -8.17 -17.01
CA VAL A 159 -15.73 -7.31 -17.19
C VAL A 159 -16.96 -8.19 -17.37
N THR A 160 -18.09 -7.75 -16.84
CA THR A 160 -19.30 -8.57 -16.82
C THR A 160 -20.43 -7.91 -17.62
N GLY B 7 -16.74 2.80 23.03
CA GLY B 7 -16.02 3.16 24.23
C GLY B 7 -14.63 2.56 24.28
N SER B 8 -14.59 1.23 24.41
CA SER B 8 -13.32 0.51 24.46
C SER B 8 -12.75 0.19 23.09
N ARG B 9 -13.60 -0.08 22.08
CA ARG B 9 -13.08 -0.46 20.77
C ARG B 9 -12.45 0.74 20.07
N ILE B 10 -13.00 1.94 20.27
CA ILE B 10 -12.36 3.13 19.74
C ILE B 10 -10.99 3.33 20.38
N GLU B 11 -10.90 3.07 21.69
CA GLU B 11 -9.61 3.15 22.36
C GLU B 11 -8.68 2.03 21.89
N ARG B 12 -9.23 0.84 21.66
N ARG B 12 -9.23 0.84 21.67
CA ARG B 12 -8.40 -0.26 21.17
CA ARG B 12 -8.41 -0.26 21.16
C ARG B 12 -7.93 0.00 19.74
C ARG B 12 -7.93 0.02 19.75
N GLU B 13 -8.79 0.62 18.92
CA GLU B 13 -8.39 0.97 17.56
C GLU B 13 -7.32 2.06 17.57
N GLN B 14 -7.44 3.02 18.49
CA GLN B 14 -6.38 4.02 18.64
C GLN B 14 -5.11 3.39 19.18
N HIS B 15 -5.24 2.28 19.93
CA HIS B 15 -4.05 1.60 20.43
C HIS B 15 -3.34 0.83 19.33
N HIS B 16 -4.08 0.31 18.35
CA HIS B 16 -3.45 -0.32 17.21
C HIS B 16 -2.83 0.71 16.28
N LEU B 17 -3.46 1.89 16.18
CA LEU B 17 -2.90 2.96 15.37
C LEU B 17 -1.56 3.43 15.91
N ILE B 18 -1.46 3.62 17.22
CA ILE B 18 -0.25 4.19 17.81
C ILE B 18 0.92 3.21 17.67
N GLU B 19 0.66 1.91 17.79
CA GLU B 19 1.75 0.94 17.66
C GLU B 19 2.17 0.79 16.20
N SER B 20 1.23 0.94 15.27
CA SER B 20 1.59 0.93 13.86
C SER B 20 2.56 2.08 13.53
N ILE B 21 2.29 3.26 14.07
CA ILE B 21 3.18 4.39 13.86
C ILE B 21 4.53 4.14 14.52
N GLU B 22 4.52 3.57 15.73
CA GLU B 22 5.79 3.28 16.41
C GLU B 22 6.58 2.22 15.66
N LYS B 23 5.92 1.14 15.25
CA LYS B 23 6.63 0.04 14.60
C LYS B 23 7.24 0.46 13.27
N SER B 24 6.49 1.21 12.46
CA SER B 24 6.99 1.60 11.15
C SER B 24 8.14 2.59 11.29
N THR B 25 7.97 3.62 12.12
CA THR B 25 9.04 4.60 12.30
C THR B 25 10.29 3.97 12.89
N GLN B 26 10.11 2.98 13.77
CA GLN B 26 11.27 2.25 14.28
C GLN B 26 12.02 1.56 13.15
N TYR B 27 11.28 0.90 12.25
CA TYR B 27 11.88 0.25 11.10
C TYR B 27 12.58 1.27 10.20
N MET B 28 11.91 2.38 9.89
CA MET B 28 12.46 3.33 8.95
C MET B 28 13.59 4.17 9.55
N ALA B 29 13.59 4.32 10.89
CA ALA B 29 14.65 5.10 11.53
C ALA B 29 16.00 4.40 11.42
N LYS B 30 16.03 3.09 11.72
CA LYS B 30 17.27 2.33 11.60
C LYS B 30 17.81 2.29 10.18
N ARG B 31 16.94 2.52 9.19
CA ARG B 31 17.34 2.46 7.79
C ARG B 31 17.34 3.83 7.13
N ARG B 32 17.19 4.90 7.92
CA ARG B 32 17.30 6.28 7.43
C ARG B 32 16.37 6.53 6.25
N ILE B 33 15.12 6.10 6.42
CA ILE B 33 14.09 6.23 5.40
C ILE B 33 13.20 7.41 5.78
N GLY B 34 13.17 8.42 4.92
CA GLY B 34 12.33 9.58 5.20
C GLY B 34 10.86 9.22 5.14
N ALA B 35 10.11 9.65 6.15
CA ALA B 35 8.70 9.34 6.25
C ALA B 35 7.94 10.52 6.82
N LEU B 36 6.69 10.68 6.37
CA LEU B 36 5.85 11.80 6.76
C LEU B 36 4.45 11.27 6.99
N ILE B 37 4.06 11.13 8.26
CA ILE B 37 2.76 10.58 8.65
C ILE B 37 2.01 11.66 9.41
N SER B 38 0.83 12.02 8.92
CA SER B 38 0.00 13.04 9.54
C SER B 38 -1.34 12.42 9.90
N VAL B 39 -1.71 12.52 11.19
CA VAL B 39 -2.91 11.90 11.72
C VAL B 39 -3.93 13.00 11.96
N ALA B 40 -5.02 12.99 11.19
CA ALA B 40 -6.04 14.02 11.32
C ALA B 40 -6.86 13.82 12.59
N ARG B 41 -7.32 14.93 13.16
CA ARG B 41 -8.17 14.89 14.33
C ARG B 41 -9.46 15.67 14.10
N ASP B 42 -9.67 16.75 14.87
CA ASP B 42 -10.94 17.47 14.78
C ASP B 42 -11.03 18.34 13.53
N THR B 43 -9.91 18.92 13.08
CA THR B 43 -9.95 19.90 12.01
C THR B 43 -10.55 19.33 10.74
N GLY B 44 -10.09 18.16 10.32
CA GLY B 44 -10.49 17.64 9.02
C GLY B 44 -9.58 18.19 7.95
N MET B 45 -8.83 17.30 7.31
CA MET B 45 -7.80 17.66 6.35
C MET B 45 -8.22 17.28 4.93
N ASP B 46 -9.51 17.37 4.61
CA ASP B 46 -10.02 16.89 3.33
C ASP B 46 -9.36 17.61 2.15
N ASP B 47 -8.93 18.86 2.36
CA ASP B 47 -8.29 19.61 1.27
C ASP B 47 -7.01 18.92 0.80
N TYR B 48 -6.21 18.42 1.74
CA TYR B 48 -4.90 17.86 1.47
C TYR B 48 -4.90 16.34 1.38
N ILE B 49 -6.00 15.69 1.77
CA ILE B 49 -6.13 14.25 1.55
C ILE B 49 -6.15 13.94 0.06
N GLU B 50 -6.98 14.67 -0.70
CA GLU B 50 -7.17 14.37 -2.11
C GLU B 50 -5.95 14.68 -2.97
N THR B 51 -4.90 15.28 -2.41
CA THR B 51 -3.73 15.61 -3.22
C THR B 51 -2.97 14.36 -3.62
N GLY B 52 -2.91 13.34 -2.77
CA GLY B 52 -2.12 12.16 -3.02
C GLY B 52 -2.92 11.05 -3.69
N ILE B 53 -2.43 9.83 -3.51
CA ILE B 53 -3.09 8.63 -4.01
C ILE B 53 -4.03 8.13 -2.91
N PRO B 54 -5.33 8.03 -3.16
CA PRO B 54 -6.25 7.59 -2.10
C PRO B 54 -6.15 6.09 -1.87
N LEU B 55 -6.00 5.69 -0.61
CA LEU B 55 -5.92 4.27 -0.24
C LEU B 55 -7.15 3.79 0.51
N ASN B 56 -7.59 4.52 1.54
CA ASN B 56 -8.70 4.10 2.39
C ASN B 56 -8.46 2.69 2.94
N ALA B 57 -7.29 2.50 3.50
CA ALA B 57 -6.78 1.18 3.85
C ALA B 57 -6.75 0.97 5.35
N LYS B 58 -6.79 -0.30 5.75
CA LYS B 58 -6.59 -0.66 7.14
C LYS B 58 -5.19 -0.26 7.58
N ILE B 59 -5.07 0.21 8.83
CA ILE B 59 -3.80 0.71 9.34
C ILE B 59 -2.95 -0.46 9.81
N SER B 60 -1.74 -0.57 9.28
CA SER B 60 -0.79 -1.58 9.68
C SER B 60 0.61 -1.01 9.51
N SER B 61 1.54 -1.47 10.36
CA SER B 61 2.93 -1.03 10.22
C SER B 61 3.53 -1.55 8.92
N GLN B 62 3.11 -2.72 8.45
CA GLN B 62 3.63 -3.23 7.19
C GLN B 62 3.29 -2.31 6.04
N LEU B 63 2.02 -1.90 5.95
CA LEU B 63 1.60 -1.03 4.85
C LEU B 63 2.32 0.32 4.92
N LEU B 64 2.49 0.85 6.13
CA LEU B 64 3.21 2.12 6.26
C LEU B 64 4.65 1.99 5.78
N ILE B 65 5.31 0.89 6.09
CA ILE B 65 6.71 0.73 5.70
C ILE B 65 6.82 0.65 4.18
N ASN B 66 5.96 -0.17 3.55
CA ASN B 66 5.98 -0.31 2.11
C ASN B 66 5.76 1.02 1.40
N ILE B 67 5.03 1.93 2.03
CA ILE B 67 4.67 3.19 1.38
C ILE B 67 5.89 4.09 1.22
N PHE B 68 6.77 4.13 2.23
CA PHE B 68 7.86 5.07 2.27
C PHE B 68 9.18 4.51 1.72
N ILE B 69 9.15 3.32 1.14
CA ILE B 69 10.37 2.80 0.51
C ILE B 69 10.85 3.79 -0.56
N PRO B 70 12.11 4.21 -0.55
CA PRO B 70 12.55 5.27 -1.47
C PRO B 70 12.34 4.89 -2.92
N ASN B 71 12.11 5.91 -3.74
CA ASN B 71 11.94 5.80 -5.20
C ASN B 71 10.71 5.01 -5.60
N THR B 72 9.82 4.72 -4.66
CA THR B 72 8.58 4.03 -4.97
C THR B 72 7.49 5.03 -5.32
N PRO B 73 6.44 4.60 -6.03
CA PRO B 73 5.39 5.55 -6.42
C PRO B 73 4.72 6.27 -5.25
N LEU B 74 4.62 5.63 -4.08
CA LEU B 74 3.83 6.17 -2.98
C LEU B 74 4.65 6.93 -1.95
N HIS B 75 5.98 6.98 -2.09
CA HIS B 75 6.81 7.60 -1.07
C HIS B 75 6.89 9.12 -1.20
N ASP B 76 6.42 9.68 -2.32
CA ASP B 76 6.59 11.11 -2.58
C ASP B 76 5.40 11.87 -2.01
N GLY B 77 5.47 12.14 -0.72
CA GLY B 77 4.45 12.92 -0.07
C GLY B 77 4.24 12.44 1.37
N ALA B 78 3.02 12.62 1.84
CA ALA B 78 2.66 12.34 3.22
C ALA B 78 1.54 11.30 3.26
N VAL B 79 1.62 10.39 4.21
CA VAL B 79 0.50 9.55 4.56
C VAL B 79 -0.44 10.34 5.46
N ILE B 80 -1.72 10.36 5.11
CA ILE B 80 -2.73 11.04 5.92
C ILE B 80 -3.64 9.99 6.54
N ILE B 81 -3.66 9.94 7.87
CA ILE B 81 -4.51 9.04 8.63
C ILE B 81 -5.78 9.78 9.01
N LYS B 82 -6.92 9.30 8.54
CA LYS B 82 -8.22 9.88 8.86
C LYS B 82 -9.13 8.79 9.40
N GLY B 83 -9.73 9.04 10.56
CA GLY B 83 -10.56 8.03 11.19
C GLY B 83 -9.77 6.80 11.59
N ASN B 84 -10.17 5.65 11.08
CA ASN B 84 -9.48 4.40 11.36
C ASN B 84 -8.80 3.84 10.11
N GLU B 85 -8.45 4.71 9.16
CA GLU B 85 -7.92 4.30 7.88
C GLU B 85 -6.73 5.15 7.47
N ILE B 86 -5.85 4.56 6.67
CA ILE B 86 -4.88 5.32 5.89
C ILE B 86 -5.64 5.96 4.73
N ALA B 87 -5.93 7.26 4.86
CA ALA B 87 -6.80 7.91 3.88
C ALA B 87 -6.12 8.05 2.54
N SER B 88 -4.86 8.46 2.53
CA SER B 88 -4.14 8.69 1.28
C SER B 88 -2.65 8.55 1.52
N ALA B 89 -1.93 8.36 0.42
CA ALA B 89 -0.48 8.32 0.42
C ALA B 89 0.03 9.27 -0.66
N ALA B 90 1.27 9.71 -0.50
CA ALA B 90 1.92 10.64 -1.43
C ALA B 90 1.15 11.95 -1.53
N SER B 91 0.61 12.40 -0.42
CA SER B 91 -0.11 13.66 -0.36
C SER B 91 0.84 14.80 0.00
N TYR B 92 0.60 15.98 -0.57
CA TYR B 92 1.44 17.13 -0.32
C TYR B 92 0.76 18.07 0.67
N LEU B 93 1.54 18.55 1.63
CA LEU B 93 1.10 19.43 2.69
C LEU B 93 1.62 20.85 2.47
N PRO B 94 0.96 21.85 3.06
CA PRO B 94 1.49 23.22 2.96
C PRO B 94 2.81 23.35 3.72
N LEU B 95 3.74 24.09 3.12
CA LEU B 95 5.03 24.33 3.75
C LEU B 95 4.94 25.49 4.71
N SER B 96 5.75 25.45 5.76
CA SER B 96 5.75 26.49 6.77
C SER B 96 6.71 27.59 6.39
N ASP B 97 6.32 28.83 6.70
CA ASP B 97 7.13 30.01 6.42
C ASP B 97 7.89 30.49 7.65
N SER B 98 8.03 29.65 8.66
CA SER B 98 8.73 30.04 9.88
C SER B 98 10.20 30.30 9.57
N PRO B 99 10.73 31.48 9.94
CA PRO B 99 12.17 31.72 9.75
C PRO B 99 13.04 30.97 10.74
N PHE B 100 12.48 30.51 11.85
CA PHE B 100 13.24 29.88 12.91
C PHE B 100 13.54 28.40 12.66
N LEU B 101 12.96 27.81 11.62
CA LEU B 101 13.19 26.39 11.37
C LEU B 101 14.64 26.14 11.04
N SER B 102 15.26 25.20 11.76
CA SER B 102 16.67 24.91 11.57
C SER B 102 16.94 24.46 10.13
N LYS B 103 18.12 24.81 9.63
CA LYS B 103 18.48 24.51 8.25
C LYS B 103 18.94 23.07 8.06
N GLU B 104 19.25 22.35 9.15
CA GLU B 104 19.56 20.93 9.02
C GLU B 104 18.31 20.13 8.68
N LEU B 105 17.14 20.62 9.03
CA LEU B 105 15.90 19.90 8.76
C LEU B 105 15.49 20.08 7.30
N GLY B 106 14.91 19.02 6.73
CA GLY B 106 14.57 19.01 5.33
C GLY B 106 13.18 19.52 5.03
N THR B 107 12.78 19.37 3.78
CA THR B 107 11.45 19.80 3.35
C THR B 107 10.36 19.04 4.09
N ARG B 108 10.62 17.78 4.44
CA ARG B 108 9.62 16.98 5.14
C ARG B 108 9.27 17.60 6.49
N HIS B 109 10.26 18.11 7.21
CA HIS B 109 9.98 18.79 8.48
C HIS B 109 9.20 20.07 8.25
N ARG B 110 9.59 20.85 7.22
CA ARG B 110 8.90 22.10 6.94
C ARG B 110 7.44 21.86 6.54
N ALA B 111 7.18 20.76 5.83
CA ALA B 111 5.80 20.45 5.44
C ALA B 111 4.99 19.99 6.65
N ALA B 112 5.60 19.19 7.53
CA ALA B 112 4.91 18.78 8.75
C ALA B 112 4.56 19.98 9.61
N LEU B 113 5.42 20.98 9.64
CA LEU B 113 5.13 22.18 10.40
C LEU B 113 3.98 22.96 9.78
N GLY B 114 3.93 23.03 8.45
CA GLY B 114 2.89 23.79 7.78
C GLY B 114 1.49 23.24 8.06
N ILE B 115 1.37 21.92 8.19
CA ILE B 115 0.06 21.35 8.46
C ILE B 115 -0.30 21.47 9.94
N SER B 116 0.70 21.51 10.82
CA SER B 116 0.42 21.70 12.24
C SER B 116 -0.05 23.12 12.55
N GLU B 117 0.30 24.09 11.70
CA GLU B 117 -0.11 25.46 11.93
C GLU B 117 -1.55 25.72 11.55
N VAL B 118 -2.10 24.95 10.61
CA VAL B 118 -3.46 25.18 10.11
C VAL B 118 -4.45 24.08 10.52
N THR B 119 -3.97 23.00 11.14
CA THR B 119 -4.82 21.91 11.58
C THR B 119 -4.39 21.50 12.98
N ASP B 120 -5.29 20.82 13.69
CA ASP B 120 -4.98 20.26 15.01
C ASP B 120 -4.55 18.81 14.91
N SER B 121 -3.73 18.49 13.92
CA SER B 121 -3.33 17.12 13.63
C SER B 121 -1.93 16.86 14.19
N ILE B 122 -1.64 15.58 14.39
CA ILE B 122 -0.33 15.14 14.86
C ILE B 122 0.44 14.60 13.66
N THR B 123 1.66 15.11 13.47
CA THR B 123 2.48 14.73 12.33
C THR B 123 3.81 14.19 12.86
N ILE B 124 4.23 13.05 12.33
CA ILE B 124 5.49 12.41 12.70
C ILE B 124 6.39 12.39 11.47
N VAL B 125 7.67 12.69 11.69
CA VAL B 125 8.65 12.78 10.61
C VAL B 125 9.85 11.91 10.96
N VAL B 126 10.32 11.13 9.99
CA VAL B 126 11.57 10.38 10.09
C VAL B 126 12.60 11.07 9.20
N SER B 127 13.77 11.36 9.76
CA SER B 127 14.79 12.12 9.04
C SER B 127 15.55 11.21 8.08
N GLU B 128 15.61 11.62 6.82
CA GLU B 128 16.39 10.90 5.83
C GLU B 128 17.88 10.92 6.17
N GLU B 129 18.35 12.01 6.76
CA GLU B 129 19.79 12.19 6.99
C GLU B 129 20.26 11.47 8.25
N THR B 130 19.47 11.53 9.33
CA THR B 130 19.88 11.00 10.61
C THR B 130 19.02 9.86 11.13
N GLY B 131 17.78 9.73 10.67
CA GLY B 131 16.86 8.78 11.25
C GLY B 131 16.18 9.26 12.50
N GLY B 132 16.34 10.53 12.86
CA GLY B 132 15.67 11.04 14.05
C GLY B 132 14.19 11.24 13.82
N ILE B 133 13.40 10.85 14.80
CA ILE B 133 11.95 10.96 14.73
C ILE B 133 11.52 12.27 15.38
N SER B 134 10.71 13.05 14.68
CA SER B 134 10.26 14.34 15.16
C SER B 134 8.74 14.42 15.07
N LEU B 135 8.20 15.48 15.68
CA LEU B 135 6.76 15.64 15.84
C LEU B 135 6.40 17.12 15.78
N THR B 136 5.24 17.41 15.19
CA THR B 136 4.72 18.77 15.14
C THR B 136 3.26 18.77 15.54
N LYS B 137 2.91 19.69 16.43
CA LYS B 137 1.52 19.89 16.85
C LYS B 137 1.31 21.37 17.16
N GLY B 138 0.33 21.98 16.48
CA GLY B 138 -0.02 23.36 16.77
C GLY B 138 1.07 24.35 16.44
N GLY B 139 1.89 24.08 15.43
CA GLY B 139 2.93 25.00 15.02
C GLY B 139 4.26 24.84 15.73
N GLU B 140 4.37 23.92 16.69
CA GLU B 140 5.61 23.66 17.39
C GLU B 140 6.16 22.31 16.95
N LEU B 141 7.49 22.22 16.85
CA LEU B 141 8.18 21.00 16.44
C LEU B 141 8.97 20.44 17.62
N PHE B 142 8.81 19.15 17.85
CA PHE B 142 9.59 18.42 18.85
C PHE B 142 10.61 17.56 18.11
N ARG B 143 11.89 17.85 18.33
CA ARG B 143 12.96 17.27 17.51
C ARG B 143 13.58 16.05 18.16
N ASP B 144 13.81 15.03 17.35
CA ASP B 144 14.55 13.82 17.72
C ASP B 144 14.08 13.26 19.07
N VAL B 145 12.77 13.00 19.15
CA VAL B 145 12.23 12.38 20.34
C VAL B 145 12.64 10.91 20.39
N SER B 146 12.60 10.34 21.60
CA SER B 146 12.95 8.95 21.81
C SER B 146 11.73 8.05 21.67
N GLU B 147 11.98 6.74 21.66
CA GLU B 147 10.88 5.78 21.55
C GLU B 147 9.91 5.93 22.70
N GLU B 148 10.43 6.02 23.92
CA GLU B 148 9.58 6.20 25.10
C GLU B 148 8.87 7.54 25.07
N GLU B 149 9.56 8.59 24.61
CA GLU B 149 8.92 9.90 24.49
C GLU B 149 7.79 9.87 23.48
N LEU B 150 8.02 9.23 22.33
CA LEU B 150 7.01 9.18 21.28
C LEU B 150 5.77 8.43 21.75
N HIS B 151 5.97 7.29 22.42
CA HIS B 151 4.84 6.54 22.95
C HIS B 151 4.00 7.38 23.91
N LYS B 152 4.66 8.17 24.76
CA LYS B 152 3.92 9.04 25.67
C LYS B 152 3.15 10.11 24.92
N ILE B 153 3.79 10.76 23.95
CA ILE B 153 3.14 11.86 23.24
C ILE B 153 1.97 11.34 22.42
N LEU B 154 2.15 10.21 21.75
CA LEU B 154 1.06 9.67 20.93
C LEU B 154 -0.11 9.19 21.79
N LEU B 155 0.18 8.70 23.00
CA LEU B 155 -0.89 8.33 23.92
C LEU B 155 -1.70 9.55 24.35
N LYS B 156 -1.02 10.62 24.77
CA LYS B 156 -1.73 11.83 25.20
C LYS B 156 -2.52 12.46 24.06
N GLU B 157 -2.02 12.37 22.83
CA GLU B 157 -2.61 13.11 21.73
C GLU B 157 -3.62 12.31 20.92
N LEU B 158 -3.52 10.98 20.90
CA LEU B 158 -4.35 10.16 20.03
C LEU B 158 -5.21 9.14 20.75
N VAL B 159 -4.82 8.67 21.94
CA VAL B 159 -5.60 7.66 22.65
C VAL B 159 -6.40 8.32 23.77
N THR B 160 -5.71 8.98 24.69
CA THR B 160 -6.37 9.61 25.84
C THR B 160 -6.54 11.11 25.64
#